data_5DP2
#
_entry.id   5DP2
#
_cell.length_a   108.906
_cell.length_b   47.294
_cell.length_c   76.902
_cell.angle_alpha   90.00
_cell.angle_beta   123.44
_cell.angle_gamma   90.00
#
_symmetry.space_group_name_H-M   'C 1 2 1'
#
loop_
_entity.id
_entity.type
_entity.pdbx_description
1 polymer CurF
2 non-polymer 'NADP NICOTINAMIDE-ADENINE-DINUCLEOTIDE PHOSPHATE'
3 water water
#
_entity_poly.entity_id   1
_entity_poly.type   'polypeptide(L)'
_entity_poly.pdbx_seq_one_letter_code
;SNAKIPNPQPVQLRIPSYGLLKNLTWMPQERRKPKSTEVEVQIKAVPVNFREVLNVLGIFQEYIKKRYRSGIISAENLTF
GVEGVGTVVAVGSDVSQWKVGDEVILAYPGNAFSSFVICSPDDLLAKPSDLSMVEAATIFMSFFTAYYGLHNLAKVQPGE
RVLIHAASGGAGQAAVQLAQFFGSEVFATTSPHKISVLREQGIKHVMNSRTTEFASEVRELTQGNGVDVIFNSLTHGEYI
PKNIDILAPGGRYIEIGRLNIWSHEQVSQRRPDVKYFPFDMSDEFVRDKQFHAKLWDDLALLFESGSLKPLPYKVFPSED
VVEAFRHLQHSKHIGKIVVTMP
;
_entity_poly.pdbx_strand_id   A
#
loop_
_chem_comp.id
_chem_comp.type
_chem_comp.name
_chem_comp.formula
NAP non-polymer 'NADP NICOTINAMIDE-ADENINE-DINUCLEOTIDE PHOSPHATE' 'C21 H28 N7 O17 P3'
#
# COMPACT_ATOMS: atom_id res chain seq x y z
N PRO A 8 18.72 21.60 -2.80
CA PRO A 8 17.45 21.96 -3.46
C PRO A 8 16.68 23.07 -2.75
N GLN A 9 15.74 23.70 -3.45
CA GLN A 9 14.85 24.70 -2.84
C GLN A 9 13.78 23.94 -2.07
N PRO A 10 13.73 24.06 -0.70
CA PRO A 10 12.77 23.18 0.03
C PRO A 10 11.34 23.50 -0.33
N VAL A 11 10.61 22.43 -0.64
CA VAL A 11 9.18 22.51 -0.97
C VAL A 11 8.43 21.35 -0.29
N GLN A 12 7.10 21.45 -0.33
CA GLN A 12 6.21 20.40 0.19
C GLN A 12 4.95 20.38 -0.67
N LEU A 13 4.47 19.20 -1.02
CA LEU A 13 3.27 19.07 -1.86
C LEU A 13 2.04 19.38 -1.02
N ARG A 14 1.20 20.29 -1.54
CA ARG A 14 0.04 20.78 -0.83
C ARG A 14 -1.10 21.03 -1.81
N ILE A 15 -2.30 21.24 -1.26
CA ILE A 15 -3.46 21.66 -2.03
C ILE A 15 -4.14 22.84 -1.33
N PRO A 16 -4.86 23.67 -2.12
CA PRO A 16 -5.61 24.76 -1.51
C PRO A 16 -7.00 24.35 -1.06
N SER A 17 -7.51 23.24 -1.61
CA SER A 17 -8.92 22.86 -1.47
C SER A 17 -9.00 21.47 -2.12
N TYR A 18 -10.11 20.78 -1.87
CA TYR A 18 -10.35 19.44 -2.42
C TYR A 18 -11.06 19.52 -3.78
N GLY A 19 -10.81 18.51 -4.61
CA GLY A 19 -11.64 18.23 -5.78
C GLY A 19 -10.95 18.01 -7.10
N LEU A 20 -9.74 18.55 -7.26
CA LEU A 20 -9.03 18.45 -8.55
C LEU A 20 -7.54 18.11 -8.36
N LEU A 21 -7.05 17.13 -9.11
CA LEU A 21 -5.63 16.80 -9.06
C LEU A 21 -4.76 17.97 -9.52
N LYS A 22 -5.27 18.79 -10.45
CA LYS A 22 -4.42 19.85 -10.99
C LYS A 22 -4.07 20.89 -9.96
N ASN A 23 -4.77 20.92 -8.83
CA ASN A 23 -4.44 21.88 -7.78
C ASN A 23 -3.30 21.44 -6.84
N LEU A 24 -2.75 20.25 -7.04
CA LEU A 24 -1.52 19.87 -6.32
C LEU A 24 -0.41 20.86 -6.69
N THR A 25 0.29 21.36 -5.67
CA THR A 25 1.33 22.36 -5.90
CA THR A 25 1.23 22.46 -5.78
C THR A 25 2.46 22.17 -4.91
N TRP A 26 3.67 22.45 -5.40
CA TRP A 26 4.87 22.42 -4.57
C TRP A 26 4.99 23.78 -3.85
N MET A 27 4.66 23.78 -2.57
CA MET A 27 4.68 25.02 -1.78
CA MET A 27 4.66 25.01 -1.75
C MET A 27 6.04 25.24 -1.14
N PRO A 28 6.53 26.47 -1.17
CA PRO A 28 7.82 26.76 -0.50
C PRO A 28 7.79 26.40 0.99
N GLN A 29 8.95 25.95 1.49
CA GLN A 29 9.13 25.60 2.90
C GLN A 29 10.42 26.18 3.43
N GLU A 30 10.45 26.43 4.73
CA GLU A 30 11.70 26.72 5.40
C GLU A 30 12.48 25.42 5.66
N ARG A 31 13.79 25.55 5.66
CA ARG A 31 14.68 24.49 6.08
C ARG A 31 14.75 24.60 7.61
N ARG A 32 14.55 23.51 8.32
CA ARG A 32 14.67 23.44 9.76
C ARG A 32 15.86 22.56 10.11
N LYS A 33 16.33 22.70 11.34
CA LYS A 33 17.35 21.81 11.89
C LYS A 33 16.69 20.83 12.86
N PRO A 34 17.19 19.59 12.92
CA PRO A 34 16.58 18.64 13.84
C PRO A 34 16.90 19.02 15.29
N LYS A 35 15.89 18.87 16.16
CA LYS A 35 16.07 18.95 17.60
C LYS A 35 16.81 17.70 18.09
N SER A 36 17.11 17.65 19.40
CA SER A 36 18.08 16.70 19.88
C SER A 36 17.76 15.24 19.65
N THR A 37 16.49 14.90 19.54
CA THR A 37 16.09 13.50 19.28
C THR A 37 15.40 13.31 17.93
N GLU A 38 15.66 14.20 16.98
CA GLU A 38 15.10 14.10 15.64
C GLU A 38 16.16 13.75 14.60
N VAL A 39 15.70 13.33 13.42
CA VAL A 39 16.54 13.03 12.27
C VAL A 39 15.95 13.74 11.05
N GLU A 40 16.82 14.33 10.21
CA GLU A 40 16.37 14.96 8.96
C GLU A 40 16.80 14.07 7.77
N VAL A 41 15.81 13.72 6.95
CA VAL A 41 16.00 12.88 5.77
C VAL A 41 15.72 13.71 4.50
N GLN A 42 16.65 13.69 3.55
CA GLN A 42 16.41 14.25 2.22
C GLN A 42 15.74 13.18 1.37
N ILE A 43 14.50 13.43 0.95
CA ILE A 43 13.74 12.45 0.21
C ILE A 43 14.31 12.27 -1.18
N LYS A 44 14.43 11.00 -1.61
CA LYS A 44 14.90 10.68 -2.95
CA LYS A 44 14.91 10.67 -2.95
C LYS A 44 13.80 10.11 -3.86
N ALA A 45 12.88 9.32 -3.29
CA ALA A 45 11.80 8.74 -4.09
C ALA A 45 10.61 8.52 -3.18
N VAL A 46 9.42 8.80 -3.71
CA VAL A 46 8.21 8.74 -2.93
C VAL A 46 7.09 8.34 -3.88
N PRO A 47 6.36 7.25 -3.58
CA PRO A 47 5.31 6.82 -4.48
C PRO A 47 3.98 7.47 -4.17
N VAL A 48 3.08 7.43 -5.15
CA VAL A 48 1.69 7.82 -4.94
C VAL A 48 0.89 6.60 -4.46
N ASN A 49 0.03 6.77 -3.46
CA ASN A 49 -0.86 5.71 -3.02
C ASN A 49 -2.30 6.06 -3.40
N PHE A 50 -3.14 5.06 -3.62
CA PHE A 50 -4.49 5.31 -4.07
C PHE A 50 -5.27 6.17 -3.06
N ARG A 51 -5.09 5.96 -1.75
CA ARG A 51 -5.73 6.81 -0.72
C ARG A 51 -5.51 8.27 -1.01
N GLU A 52 -4.31 8.61 -1.44
CA GLU A 52 -3.96 10.02 -1.66
C GLU A 52 -4.69 10.63 -2.86
N VAL A 53 -4.94 9.83 -3.90
CA VAL A 53 -5.84 10.26 -4.97
C VAL A 53 -7.24 10.55 -4.41
N LEU A 54 -7.76 9.63 -3.60
CA LEU A 54 -9.07 9.83 -3.00
C LEU A 54 -9.07 11.06 -2.10
N ASN A 55 -7.95 11.30 -1.41
CA ASN A 55 -7.85 12.49 -0.55
C ASN A 55 -7.95 13.77 -1.37
N VAL A 56 -7.16 13.90 -2.43
CA VAL A 56 -7.17 15.14 -3.22
C VAL A 56 -8.56 15.39 -3.81
N LEU A 57 -9.21 14.34 -4.26
CA LEU A 57 -10.54 14.44 -4.89
C LEU A 57 -11.67 14.67 -3.91
N GLY A 58 -11.40 14.56 -2.61
CA GLY A 58 -12.43 14.74 -1.60
C GLY A 58 -13.34 13.52 -1.41
N ILE A 59 -12.90 12.34 -1.83
CA ILE A 59 -13.68 11.10 -1.71
C ILE A 59 -13.46 10.45 -0.33
N PHE A 60 -12.22 10.52 0.17
CA PHE A 60 -11.89 10.02 1.52
C PHE A 60 -11.17 11.15 2.23
N GLN A 61 -11.68 11.55 3.39
CA GLN A 61 -11.06 12.62 4.16
C GLN A 61 -10.22 12.07 5.31
N GLU A 62 -8.94 12.42 5.33
CA GLU A 62 -8.10 11.94 6.44
C GLU A 62 -8.60 12.46 7.77
N TYR A 63 -8.57 11.59 8.78
CA TYR A 63 -8.80 11.98 10.18
C TYR A 63 -7.51 11.83 11.02
N ILE A 64 -6.52 11.09 10.54
CA ILE A 64 -5.26 10.95 11.26
C ILE A 64 -4.55 12.31 11.25
N LYS A 65 -4.23 12.82 12.45
CA LYS A 65 -3.72 14.17 12.56
C LYS A 65 -2.30 14.30 11.99
N LYS A 66 -1.55 13.20 11.95
CA LYS A 66 -0.21 13.20 11.38
C LYS A 66 -0.21 13.59 9.89
N ARG A 67 -1.34 13.42 9.21
CA ARG A 67 -1.48 13.81 7.80
C ARG A 67 -1.69 15.32 7.60
N TYR A 68 -1.75 16.10 8.70
CA TYR A 68 -1.98 17.54 8.59
C TYR A 68 -0.93 18.34 9.31
N ARG A 69 -0.51 19.44 8.69
CA ARG A 69 0.40 20.35 9.37
C ARG A 69 -0.21 20.87 10.66
N SER A 70 0.60 20.80 11.74
CA SER A 70 0.25 21.18 13.11
CA SER A 70 0.21 21.18 13.10
C SER A 70 -0.88 20.33 13.69
N GLY A 71 -1.25 19.25 12.99
CA GLY A 71 -2.32 18.37 13.44
C GLY A 71 -3.70 18.99 13.35
N ILE A 72 -3.84 20.06 12.56
CA ILE A 72 -5.10 20.79 12.42
C ILE A 72 -5.74 20.40 11.08
N ILE A 73 -6.91 19.79 11.17
CA ILE A 73 -7.59 19.20 9.99
C ILE A 73 -8.18 20.28 9.08
N SER A 74 -7.66 20.37 7.86
CA SER A 74 -8.17 21.25 6.79
CA SER A 74 -8.14 21.28 6.81
C SER A 74 -7.45 20.90 5.50
N ALA A 75 -8.08 21.15 4.35
CA ALA A 75 -7.44 20.84 3.08
C ALA A 75 -6.11 21.52 2.95
N GLU A 76 -6.02 22.78 3.34
CA GLU A 76 -4.79 23.54 3.13
CA GLU A 76 -4.80 23.56 3.16
C GLU A 76 -3.64 23.09 4.02
N ASN A 77 -3.94 22.24 5.01
CA ASN A 77 -2.92 21.68 5.90
C ASN A 77 -2.53 20.25 5.52
N LEU A 78 -3.27 19.61 4.61
CA LEU A 78 -3.01 18.20 4.27
C LEU A 78 -1.66 18.03 3.58
N THR A 79 -0.90 17.04 4.06
CA THR A 79 0.33 16.63 3.40
C THR A 79 0.15 15.23 2.80
N PHE A 80 1.12 14.86 1.97
CA PHE A 80 1.08 13.60 1.23
C PHE A 80 2.41 12.88 1.38
N GLY A 81 2.35 11.57 1.17
CA GLY A 81 3.54 10.73 1.20
C GLY A 81 3.51 9.85 2.44
N VAL A 82 2.84 8.71 2.33
CA VAL A 82 2.65 7.81 3.44
C VAL A 82 3.78 6.77 3.55
N GLU A 83 4.80 6.93 2.71
CA GLU A 83 5.96 6.08 2.66
C GLU A 83 6.95 6.78 1.74
N GLY A 84 8.22 6.43 1.85
CA GLY A 84 9.21 6.87 0.90
C GLY A 84 10.59 6.45 1.29
N VAL A 85 11.59 6.94 0.55
CA VAL A 85 12.98 6.57 0.79
CA VAL A 85 12.99 6.55 0.74
C VAL A 85 13.87 7.77 0.62
N GLY A 86 14.97 7.81 1.36
CA GLY A 86 15.92 8.88 1.18
C GLY A 86 17.17 8.68 2.00
N THR A 87 17.90 9.78 2.18
CA THR A 87 19.22 9.77 2.78
C THR A 87 19.24 10.68 4.00
N VAL A 88 19.75 10.18 5.13
CA VAL A 88 19.89 11.03 6.32
C VAL A 88 20.92 12.14 6.03
N VAL A 89 20.50 13.40 6.20
CA VAL A 89 21.37 14.54 5.95
C VAL A 89 21.75 15.33 7.19
N ALA A 90 21.01 15.19 8.27
CA ALA A 90 21.36 15.85 9.55
C ALA A 90 20.73 15.04 10.65
N VAL A 91 21.41 14.97 11.79
CA VAL A 91 20.94 14.19 12.91
C VAL A 91 20.95 15.05 14.16
N GLY A 92 19.90 14.93 14.97
CA GLY A 92 19.84 15.63 16.25
C GLY A 92 21.01 15.21 17.14
N SER A 93 21.40 16.12 18.01
CA SER A 93 22.61 15.97 18.78
C SER A 93 22.66 14.72 19.64
N ASP A 94 21.51 14.28 20.12
CA ASP A 94 21.45 13.21 21.10
C ASP A 94 21.08 11.85 20.47
N VAL A 95 21.02 11.79 19.14
CA VAL A 95 20.65 10.56 18.44
C VAL A 95 21.89 9.78 18.08
N SER A 96 21.83 8.50 18.44
CA SER A 96 22.87 7.51 18.15
C SER A 96 22.50 6.49 17.05
N GLN A 97 21.21 6.31 16.81
CA GLN A 97 20.71 5.20 15.97
C GLN A 97 21.04 5.36 14.48
N TRP A 98 21.14 6.61 14.04
CA TRP A 98 21.34 6.95 12.64
C TRP A 98 22.45 7.98 12.54
N LYS A 99 23.10 8.01 11.37
CA LYS A 99 24.14 8.98 11.10
C LYS A 99 24.02 9.52 9.67
N VAL A 100 24.64 10.66 9.44
CA VAL A 100 24.62 11.27 8.13
C VAL A 100 25.10 10.28 7.06
N GLY A 101 24.33 10.16 5.99
CA GLY A 101 24.64 9.29 4.88
C GLY A 101 23.88 7.98 4.89
N ASP A 102 23.26 7.61 6.01
CA ASP A 102 22.48 6.38 6.05
C ASP A 102 21.30 6.49 5.08
N GLU A 103 21.00 5.39 4.42
CA GLU A 103 19.87 5.30 3.48
C GLU A 103 18.72 4.58 4.17
N VAL A 104 17.52 5.18 4.09
CA VAL A 104 16.40 4.75 4.90
C VAL A 104 15.08 4.69 4.11
N ILE A 105 14.24 3.79 4.56
CA ILE A 105 12.81 3.79 4.27
C ILE A 105 12.12 4.55 5.40
N LEU A 106 11.20 5.46 5.03
CA LEU A 106 10.39 6.19 6.02
C LEU A 106 9.08 5.44 6.22
N ALA A 107 8.82 5.05 7.47
CA ALA A 107 7.61 4.30 7.82
C ALA A 107 6.50 5.29 8.17
N TYR A 108 5.47 5.35 7.33
CA TYR A 108 4.30 6.20 7.54
C TYR A 108 4.66 7.61 8.03
N PRO A 109 5.47 8.35 7.26
CA PRO A 109 5.77 9.74 7.68
C PRO A 109 4.56 10.65 7.54
N GLY A 110 3.75 10.45 6.48
CA GLY A 110 2.60 11.29 6.19
C GLY A 110 2.86 12.51 5.34
N ASN A 111 4.15 12.86 5.22
CA ASN A 111 4.61 14.07 4.52
C ASN A 111 5.83 13.77 3.64
N ALA A 112 5.98 12.53 3.15
CA ALA A 112 7.15 12.21 2.32
C ALA A 112 7.22 12.96 1.00
N PHE A 113 6.10 13.53 0.50
CA PHE A 113 6.17 14.45 -0.63
C PHE A 113 6.63 15.83 -0.13
N SER A 114 7.91 15.89 0.24
CA SER A 114 8.60 17.07 0.76
C SER A 114 10.06 16.92 0.41
N SER A 115 10.78 18.02 0.26
CA SER A 115 12.21 17.92 0.02
C SER A 115 12.94 17.26 1.19
N PHE A 116 12.56 17.66 2.41
CA PHE A 116 13.18 17.16 3.63
C PHE A 116 12.07 16.78 4.61
N VAL A 117 12.27 15.68 5.35
CA VAL A 117 11.37 15.24 6.40
C VAL A 117 12.16 15.16 7.69
N ILE A 118 11.63 15.77 8.75
CA ILE A 118 12.21 15.61 10.10
C ILE A 118 11.29 14.68 10.87
N CYS A 119 11.86 13.62 11.40
CA CYS A 119 11.09 12.62 12.12
C CYS A 119 11.88 12.03 13.25
N SER A 120 11.29 11.05 13.93
CA SER A 120 11.95 10.34 15.01
CA SER A 120 12.00 10.38 15.01
C SER A 120 12.82 9.21 14.46
N PRO A 121 13.87 8.82 15.18
CA PRO A 121 14.65 7.66 14.75
C PRO A 121 13.83 6.39 14.61
N ASP A 122 12.79 6.23 15.43
CA ASP A 122 11.93 5.03 15.39
C ASP A 122 10.98 5.00 14.21
N ASP A 123 10.98 6.04 13.40
CA ASP A 123 10.15 6.11 12.20
C ASP A 123 10.90 5.72 10.93
N LEU A 124 12.15 5.27 11.08
CA LEU A 124 13.00 4.95 9.95
C LEU A 124 13.41 3.48 9.99
N LEU A 125 13.60 2.90 8.81
CA LEU A 125 14.05 1.52 8.62
C LEU A 125 15.22 1.53 7.65
N ALA A 126 16.19 0.65 7.86
CA ALA A 126 17.33 0.58 6.95
C ALA A 126 16.92 0.09 5.57
N LYS A 127 17.30 0.86 4.56
CA LYS A 127 17.01 0.48 3.17
C LYS A 127 17.83 -0.77 2.78
N PRO A 128 17.24 -1.74 2.07
CA PRO A 128 18.06 -2.85 1.54
C PRO A 128 19.16 -2.27 0.61
N SER A 129 20.43 -2.59 0.88
CA SER A 129 21.53 -1.89 0.21
C SER A 129 21.65 -2.15 -1.29
N ASP A 130 21.18 -3.32 -1.74
CA ASP A 130 21.36 -3.68 -3.16
C ASP A 130 20.24 -3.17 -4.06
N LEU A 131 19.20 -2.57 -3.49
CA LEU A 131 18.12 -1.98 -4.27
C LEU A 131 18.42 -0.52 -4.56
N SER A 132 17.96 -0.03 -5.71
CA SER A 132 17.97 1.41 -5.96
C SER A 132 16.95 2.13 -5.07
N MET A 133 17.06 3.46 -4.97
CA MET A 133 16.04 4.22 -4.28
C MET A 133 14.65 3.98 -4.85
N VAL A 134 14.53 4.04 -6.19
CA VAL A 134 13.22 3.84 -6.81
CA VAL A 134 13.19 3.85 -6.78
C VAL A 134 12.67 2.45 -6.53
N GLU A 135 13.52 1.42 -6.61
CA GLU A 135 13.08 0.06 -6.29
CA GLU A 135 13.08 0.06 -6.30
C GLU A 135 12.60 -0.05 -4.85
N ALA A 136 13.39 0.51 -3.94
CA ALA A 136 13.04 0.43 -2.52
C ALA A 136 11.76 1.19 -2.20
N ALA A 137 11.48 2.23 -2.99
CA ALA A 137 10.27 3.05 -2.83
C ALA A 137 9.00 2.27 -3.14
N THR A 138 9.11 1.08 -3.74
CA THR A 138 7.92 0.28 -4.00
C THR A 138 7.49 -0.57 -2.81
N ILE A 139 8.29 -0.63 -1.73
CA ILE A 139 8.12 -1.69 -0.73
C ILE A 139 7.07 -1.42 0.36
N PHE A 140 7.21 -0.30 1.09
CA PHE A 140 6.63 -0.21 2.44
C PHE A 140 5.12 -0.43 2.50
N MET A 141 4.32 0.47 1.93
CA MET A 141 2.90 0.36 2.19
CA MET A 141 2.85 0.38 2.15
C MET A 141 2.32 -0.92 1.57
N SER A 142 2.70 -1.23 0.35
CA SER A 142 2.09 -2.36 -0.35
C SER A 142 2.45 -3.70 0.32
N PHE A 143 3.74 -3.92 0.58
CA PHE A 143 4.14 -5.18 1.22
C PHE A 143 3.75 -5.25 2.67
N PHE A 144 3.81 -4.14 3.44
CA PHE A 144 3.44 -4.25 4.84
C PHE A 144 1.95 -4.59 4.96
N THR A 145 1.12 -3.96 4.09
CA THR A 145 -0.32 -4.25 4.09
C THR A 145 -0.57 -5.71 3.73
N ALA A 146 0.04 -6.16 2.63
CA ALA A 146 -0.20 -7.52 2.17
C ALA A 146 0.32 -8.56 3.16
N TYR A 147 1.47 -8.30 3.78
CA TYR A 147 2.04 -9.25 4.74
C TYR A 147 1.18 -9.31 5.99
N TYR A 148 0.78 -8.15 6.53
CA TYR A 148 -0.08 -8.17 7.71
C TYR A 148 -1.36 -8.94 7.45
N GLY A 149 -1.99 -8.67 6.30
CA GLY A 149 -3.24 -9.36 5.98
C GLY A 149 -3.07 -10.85 5.76
N LEU A 150 -2.13 -11.22 4.87
CA LEU A 150 -1.99 -12.63 4.46
C LEU A 150 -1.32 -13.50 5.52
N HIS A 151 -0.28 -12.96 6.17
CA HIS A 151 0.47 -13.72 7.16
C HIS A 151 -0.10 -13.56 8.55
N ASN A 152 -0.13 -12.34 9.08
CA ASN A 152 -0.49 -12.18 10.49
C ASN A 152 -1.97 -12.53 10.75
N LEU A 153 -2.85 -12.05 9.87
CA LEU A 153 -4.29 -12.20 10.09
C LEU A 153 -4.83 -13.50 9.51
N ALA A 154 -4.72 -13.66 8.20
CA ALA A 154 -5.27 -14.84 7.55
C ALA A 154 -4.46 -16.11 7.73
N LYS A 155 -3.16 -15.97 7.97
CA LYS A 155 -2.27 -17.13 8.18
C LYS A 155 -2.33 -18.10 6.99
N VAL A 156 -2.04 -17.59 5.81
CA VAL A 156 -2.05 -18.41 4.58
CA VAL A 156 -2.08 -18.44 4.61
C VAL A 156 -1.06 -19.59 4.72
N GLN A 157 -1.51 -20.76 4.33
CA GLN A 157 -0.74 -22.00 4.38
C GLN A 157 -0.45 -22.52 2.97
N PRO A 158 0.61 -23.34 2.81
CA PRO A 158 0.86 -23.94 1.51
C PRO A 158 -0.34 -24.73 1.01
N GLY A 159 -0.62 -24.58 -0.27
CA GLY A 159 -1.68 -25.31 -0.92
C GLY A 159 -3.05 -24.64 -0.90
N GLU A 160 -3.24 -23.63 -0.05
CA GLU A 160 -4.54 -22.99 0.02
C GLU A 160 -4.82 -22.15 -1.22
N ARG A 161 -6.11 -21.95 -1.49
CA ARG A 161 -6.53 -21.14 -2.63
CA ARG A 161 -6.55 -21.14 -2.62
CA ARG A 161 -6.56 -21.14 -2.63
C ARG A 161 -6.81 -19.70 -2.17
N VAL A 162 -6.12 -18.76 -2.80
CA VAL A 162 -6.16 -17.35 -2.39
C VAL A 162 -6.57 -16.50 -3.58
N LEU A 163 -7.70 -15.77 -3.43
CA LEU A 163 -8.19 -14.85 -4.47
C LEU A 163 -7.72 -13.43 -4.14
N ILE A 164 -7.02 -12.84 -5.08
CA ILE A 164 -6.44 -11.50 -4.94
C ILE A 164 -7.09 -10.60 -5.98
N HIS A 165 -7.89 -9.64 -5.52
CA HIS A 165 -8.53 -8.67 -6.41
C HIS A 165 -7.59 -7.53 -6.75
N ALA A 166 -7.82 -6.93 -7.93
CA ALA A 166 -7.01 -5.78 -8.34
C ALA A 166 -5.53 -6.15 -8.24
N ALA A 167 -5.20 -7.30 -8.80
CA ALA A 167 -3.88 -7.90 -8.67
C ALA A 167 -2.80 -7.17 -9.45
N SER A 168 -3.21 -6.25 -10.33
CA SER A 168 -2.32 -5.37 -11.07
C SER A 168 -1.80 -4.17 -10.26
N GLY A 169 -2.50 -3.83 -9.18
CA GLY A 169 -2.15 -2.65 -8.42
C GLY A 169 -1.05 -2.90 -7.40
N GLY A 170 -0.76 -1.91 -6.58
CA GLY A 170 0.37 -2.00 -5.65
C GLY A 170 0.16 -3.08 -4.59
N ALA A 171 -0.93 -2.94 -3.83
CA ALA A 171 -1.22 -3.93 -2.81
C ALA A 171 -1.39 -5.31 -3.42
N GLY A 172 -2.09 -5.37 -4.56
CA GLY A 172 -2.35 -6.64 -5.24
C GLY A 172 -1.08 -7.33 -5.72
N GLN A 173 -0.16 -6.57 -6.31
CA GLN A 173 1.09 -7.16 -6.79
C GLN A 173 1.91 -7.70 -5.62
N ALA A 174 1.98 -6.94 -4.52
CA ALA A 174 2.67 -7.42 -3.32
C ALA A 174 2.01 -8.67 -2.79
N ALA A 175 0.69 -8.70 -2.76
CA ALA A 175 -0.05 -9.87 -2.29
C ALA A 175 0.23 -11.09 -3.17
N VAL A 176 0.31 -10.91 -4.50
CA VAL A 176 0.63 -12.07 -5.35
C VAL A 176 2.00 -12.62 -4.98
N GLN A 177 3.00 -11.74 -4.87
CA GLN A 177 4.33 -12.22 -4.53
C GLN A 177 4.32 -12.97 -3.21
N LEU A 178 3.68 -12.41 -2.19
CA LEU A 178 3.65 -13.05 -0.88
C LEU A 178 2.86 -14.35 -0.87
N ALA A 179 1.69 -14.36 -1.51
CA ALA A 179 0.92 -15.58 -1.56
C ALA A 179 1.71 -16.72 -2.21
N GLN A 180 2.44 -16.40 -3.28
CA GLN A 180 3.24 -17.47 -3.90
CA GLN A 180 3.30 -17.40 -3.96
C GLN A 180 4.44 -17.85 -3.05
N PHE A 181 5.07 -16.90 -2.36
CA PHE A 181 6.14 -17.23 -1.39
C PHE A 181 5.64 -18.20 -0.32
N PHE A 182 4.39 -18.02 0.12
CA PHE A 182 3.79 -18.88 1.13
C PHE A 182 3.27 -20.19 0.54
N GLY A 183 3.44 -20.43 -0.76
CA GLY A 183 3.07 -21.70 -1.35
C GLY A 183 1.59 -21.86 -1.64
N SER A 184 0.86 -20.75 -1.75
CA SER A 184 -0.56 -20.83 -2.02
C SER A 184 -0.83 -20.72 -3.53
N GLU A 185 -2.05 -21.13 -3.91
CA GLU A 185 -2.54 -21.09 -5.29
C GLU A 185 -3.30 -19.78 -5.52
N VAL A 186 -2.73 -18.90 -6.35
CA VAL A 186 -3.30 -17.59 -6.59
C VAL A 186 -4.36 -17.63 -7.69
N PHE A 187 -5.50 -17.03 -7.39
CA PHE A 187 -6.53 -16.69 -8.36
C PHE A 187 -6.55 -15.16 -8.38
N ALA A 188 -6.37 -14.54 -9.52
CA ALA A 188 -6.25 -13.07 -9.59
C ALA A 188 -7.37 -12.48 -10.41
N THR A 189 -7.75 -11.26 -10.05
CA THR A 189 -8.62 -10.46 -10.93
C THR A 189 -7.94 -9.15 -11.27
N THR A 190 -8.21 -8.68 -12.48
CA THR A 190 -7.71 -7.38 -12.96
C THR A 190 -8.59 -6.97 -14.15
N SER A 191 -8.38 -5.75 -14.62
CA SER A 191 -9.18 -5.24 -15.73
C SER A 191 -8.81 -5.99 -17.02
N PRO A 192 -9.73 -6.07 -17.99
CA PRO A 192 -9.50 -6.90 -19.18
C PRO A 192 -8.16 -6.68 -19.90
N HIS A 193 -7.72 -5.44 -20.04
CA HIS A 193 -6.52 -5.17 -20.79
C HIS A 193 -5.23 -5.46 -20.01
N LYS A 194 -5.35 -5.78 -18.72
CA LYS A 194 -4.21 -6.17 -17.89
C LYS A 194 -4.12 -7.67 -17.65
N ILE A 195 -5.13 -8.42 -18.08
CA ILE A 195 -5.14 -9.87 -17.83
C ILE A 195 -3.90 -10.54 -18.43
N SER A 196 -3.59 -10.22 -19.69
CA SER A 196 -2.47 -10.83 -20.36
C SER A 196 -1.16 -10.54 -19.63
N VAL A 197 -1.05 -9.35 -19.06
CA VAL A 197 0.15 -8.95 -18.35
C VAL A 197 0.33 -9.86 -17.11
N LEU A 198 -0.74 -10.11 -16.38
CA LEU A 198 -0.65 -10.95 -15.18
C LEU A 198 -0.39 -12.43 -15.56
N ARG A 199 -0.96 -12.91 -16.65
CA ARG A 199 -0.66 -14.27 -17.10
CA ARG A 199 -0.64 -14.25 -17.16
C ARG A 199 0.85 -14.37 -17.43
N GLU A 200 1.42 -13.34 -18.05
CA GLU A 200 2.85 -13.34 -18.39
C GLU A 200 3.72 -13.35 -17.13
N GLN A 201 3.22 -12.77 -16.04
CA GLN A 201 3.94 -12.82 -14.77
C GLN A 201 3.90 -14.21 -14.14
N GLY A 202 3.11 -15.11 -14.72
CA GLY A 202 3.08 -16.51 -14.29
C GLY A 202 1.83 -16.94 -13.53
N ILE A 203 0.81 -16.08 -13.44
CA ILE A 203 -0.41 -16.46 -12.77
CA ILE A 203 -0.42 -16.47 -12.77
C ILE A 203 -1.29 -17.27 -13.74
N LYS A 204 -1.67 -18.47 -13.33
CA LYS A 204 -2.47 -19.37 -14.15
CA LYS A 204 -2.46 -19.32 -14.20
C LYS A 204 -3.91 -18.85 -14.31
N HIS A 205 -4.57 -18.55 -13.19
CA HIS A 205 -5.99 -18.18 -13.19
C HIS A 205 -6.14 -16.68 -13.02
N VAL A 206 -6.51 -15.99 -14.09
CA VAL A 206 -6.67 -14.54 -14.11
C VAL A 206 -8.01 -14.22 -14.75
N MET A 207 -8.84 -13.46 -14.05
CA MET A 207 -10.23 -13.17 -14.41
C MET A 207 -10.46 -11.67 -14.41
N ASN A 208 -11.54 -11.25 -15.03
CA ASN A 208 -11.94 -9.85 -15.06
C ASN A 208 -12.50 -9.41 -13.72
N SER A 209 -11.94 -8.34 -13.18
CA SER A 209 -12.38 -7.75 -11.94
C SER A 209 -13.51 -6.73 -12.06
N ARG A 210 -13.82 -6.32 -13.31
CA ARG A 210 -14.66 -5.15 -13.53
CA ARG A 210 -14.67 -5.14 -13.49
C ARG A 210 -16.15 -5.46 -13.51
N THR A 211 -16.50 -6.74 -13.36
CA THR A 211 -17.86 -7.17 -13.03
C THR A 211 -17.72 -8.22 -11.92
N THR A 212 -18.85 -8.60 -11.33
CA THR A 212 -18.84 -9.66 -10.33
C THR A 212 -18.97 -11.06 -10.94
N GLU A 213 -18.87 -11.19 -12.25
CA GLU A 213 -18.93 -12.51 -12.87
C GLU A 213 -17.73 -13.40 -12.47
N PHE A 214 -16.65 -12.82 -11.93
CA PHE A 214 -15.55 -13.63 -11.41
C PHE A 214 -16.06 -14.64 -10.38
N ALA A 215 -17.14 -14.32 -9.66
CA ALA A 215 -17.57 -15.22 -8.59
C ALA A 215 -18.06 -16.54 -9.18
N SER A 216 -18.87 -16.49 -10.22
CA SER A 216 -19.30 -17.73 -10.86
CA SER A 216 -19.31 -17.72 -10.89
CA SER A 216 -19.31 -17.70 -10.91
C SER A 216 -18.12 -18.45 -11.51
N GLU A 217 -17.16 -17.70 -12.04
CA GLU A 217 -15.97 -18.34 -12.63
C GLU A 217 -15.14 -19.09 -11.57
N VAL A 218 -14.95 -18.47 -10.42
CA VAL A 218 -14.26 -19.15 -9.30
C VAL A 218 -15.03 -20.39 -8.86
N ARG A 219 -16.34 -20.29 -8.78
CA ARG A 219 -17.16 -21.45 -8.40
CA ARG A 219 -17.16 -21.44 -8.38
C ARG A 219 -16.93 -22.60 -9.36
N GLU A 220 -16.88 -22.30 -10.66
CA GLU A 220 -16.65 -23.32 -11.68
C GLU A 220 -15.24 -23.91 -11.59
N LEU A 221 -14.22 -23.06 -11.42
CA LEU A 221 -12.83 -23.52 -11.33
C LEU A 221 -12.59 -24.41 -10.12
N THR A 222 -13.39 -24.18 -9.07
CA THR A 222 -13.22 -24.90 -7.82
C THR A 222 -14.32 -25.92 -7.56
N GLN A 223 -15.15 -26.21 -8.57
CA GLN A 223 -16.22 -27.20 -8.44
C GLN A 223 -17.14 -26.88 -7.26
N GLY A 224 -17.40 -25.60 -7.07
CA GLY A 224 -18.29 -25.13 -6.03
C GLY A 224 -17.66 -25.02 -4.66
N ASN A 225 -16.38 -25.37 -4.50
CA ASN A 225 -15.78 -25.32 -3.17
CA ASN A 225 -15.73 -25.33 -3.19
C ASN A 225 -15.45 -23.90 -2.72
N GLY A 226 -15.08 -23.04 -3.67
CA GLY A 226 -14.71 -21.68 -3.31
C GLY A 226 -13.23 -21.57 -2.96
N VAL A 227 -12.87 -20.42 -2.39
CA VAL A 227 -11.49 -20.12 -2.05
C VAL A 227 -11.33 -19.98 -0.52
N ASP A 228 -10.11 -20.27 -0.06
CA ASP A 228 -9.82 -20.24 1.37
C ASP A 228 -9.60 -18.83 1.94
N VAL A 229 -9.03 -17.95 1.12
CA VAL A 229 -8.70 -16.59 1.53
C VAL A 229 -9.06 -15.68 0.38
N ILE A 230 -9.64 -14.51 0.71
CA ILE A 230 -9.83 -13.43 -0.24
C ILE A 230 -9.09 -12.20 0.29
N PHE A 231 -8.31 -11.57 -0.60
CA PHE A 231 -7.63 -10.30 -0.31
C PHE A 231 -8.30 -9.26 -1.21
N ASN A 232 -9.18 -8.46 -0.59
CA ASN A 232 -10.06 -7.57 -1.34
C ASN A 232 -9.83 -6.10 -1.00
N SER A 233 -10.05 -5.25 -2.01
CA SER A 233 -10.18 -3.81 -1.86
C SER A 233 -11.40 -3.23 -2.59
N LEU A 234 -12.19 -4.06 -3.29
CA LEU A 234 -13.30 -3.56 -4.12
C LEU A 234 -14.59 -3.69 -3.33
N THR A 235 -15.18 -2.55 -2.95
CA THR A 235 -16.28 -2.57 -1.98
C THR A 235 -17.61 -2.05 -2.53
N HIS A 236 -17.60 -1.55 -3.75
CA HIS A 236 -18.81 -0.96 -4.34
C HIS A 236 -19.76 -2.06 -4.83
N GLY A 237 -20.98 -1.66 -5.19
CA GLY A 237 -21.92 -2.56 -5.81
C GLY A 237 -22.15 -3.80 -4.96
N GLU A 238 -22.17 -4.96 -5.60
CA GLU A 238 -22.37 -6.24 -4.93
C GLU A 238 -21.06 -6.98 -4.68
N TYR A 239 -19.92 -6.29 -4.75
CA TYR A 239 -18.65 -6.98 -4.61
C TYR A 239 -18.49 -7.65 -3.25
N ILE A 240 -18.93 -7.03 -2.16
CA ILE A 240 -18.74 -7.64 -0.84
C ILE A 240 -19.55 -8.94 -0.72
N PRO A 241 -20.89 -8.92 -0.94
CA PRO A 241 -21.62 -10.17 -0.78
C PRO A 241 -21.20 -11.26 -1.78
N LYS A 242 -20.84 -10.87 -3.02
CA LYS A 242 -20.38 -11.85 -4.00
CA LYS A 242 -20.38 -11.85 -4.00
C LYS A 242 -19.10 -12.54 -3.56
N ASN A 243 -18.18 -11.77 -2.95
CA ASN A 243 -16.97 -12.36 -2.37
C ASN A 243 -17.29 -13.26 -1.19
N ILE A 244 -18.15 -12.81 -0.28
CA ILE A 244 -18.49 -13.66 0.87
C ILE A 244 -18.99 -15.01 0.38
N ASP A 245 -19.84 -14.99 -0.66
CA ASP A 245 -20.47 -16.21 -1.13
C ASP A 245 -19.54 -17.23 -1.75
N ILE A 246 -18.35 -16.81 -2.18
CA ILE A 246 -17.38 -17.74 -2.77
C ILE A 246 -16.28 -18.14 -1.81
N LEU A 247 -16.42 -17.81 -0.51
CA LEU A 247 -15.51 -18.35 0.49
C LEU A 247 -15.83 -19.81 0.74
N ALA A 248 -14.79 -20.63 0.78
CA ALA A 248 -14.89 -22.02 1.24
C ALA A 248 -15.31 -22.04 2.71
N PRO A 249 -15.70 -23.23 3.23
CA PRO A 249 -15.99 -23.34 4.66
C PRO A 249 -14.85 -22.79 5.51
N GLY A 250 -15.20 -21.93 6.48
CA GLY A 250 -14.19 -21.34 7.34
C GLY A 250 -13.24 -20.38 6.65
N GLY A 251 -13.60 -19.89 5.47
CA GLY A 251 -12.70 -19.01 4.73
C GLY A 251 -12.45 -17.69 5.45
N ARG A 252 -11.34 -17.06 5.06
CA ARG A 252 -10.87 -15.83 5.66
C ARG A 252 -10.98 -14.69 4.64
N TYR A 253 -11.69 -13.64 5.04
CA TYR A 253 -12.00 -12.49 4.20
C TYR A 253 -11.20 -11.30 4.70
N ILE A 254 -10.17 -10.94 3.96
CA ILE A 254 -9.35 -9.77 4.26
C ILE A 254 -9.90 -8.61 3.46
N GLU A 255 -10.23 -7.50 4.16
CA GLU A 255 -10.78 -6.32 3.51
C GLU A 255 -9.89 -5.12 3.80
N ILE A 256 -9.28 -4.58 2.76
CA ILE A 256 -8.48 -3.37 2.90
C ILE A 256 -9.17 -2.14 2.33
N GLY A 257 -10.30 -2.30 1.63
CA GLY A 257 -11.05 -1.12 1.25
C GLY A 257 -11.64 -0.49 2.52
N ARG A 258 -11.81 0.82 2.50
CA ARG A 258 -12.34 1.49 3.68
C ARG A 258 -13.67 2.17 3.42
N LEU A 259 -14.13 2.20 2.17
CA LEU A 259 -15.43 2.82 1.86
C LEU A 259 -16.53 1.78 1.86
N ASN A 260 -17.56 2.05 2.66
CA ASN A 260 -18.81 1.29 2.72
C ASN A 260 -18.65 -0.19 3.06
N ILE A 261 -17.71 -0.48 3.94
CA ILE A 261 -17.45 -1.87 4.31
C ILE A 261 -18.46 -2.37 5.33
N TRP A 262 -18.62 -3.69 5.37
CA TRP A 262 -19.53 -4.32 6.29
C TRP A 262 -18.94 -4.42 7.70
N SER A 263 -19.81 -4.52 8.68
CA SER A 263 -19.39 -4.84 10.05
C SER A 263 -19.23 -6.36 10.22
N HIS A 264 -18.59 -6.74 11.32
CA HIS A 264 -18.47 -8.14 11.64
C HIS A 264 -19.82 -8.82 11.75
N GLU A 265 -20.79 -8.15 12.37
CA GLU A 265 -22.13 -8.74 12.54
C GLU A 265 -22.84 -8.92 11.20
N GLN A 266 -22.65 -7.97 10.28
CA GLN A 266 -23.26 -8.09 8.94
C GLN A 266 -22.65 -9.27 8.17
N VAL A 267 -21.31 -9.42 8.25
CA VAL A 267 -20.67 -10.57 7.59
C VAL A 267 -21.17 -11.87 8.22
N SER A 268 -21.24 -11.93 9.54
CA SER A 268 -21.69 -13.14 10.26
CA SER A 268 -21.67 -13.13 10.24
CA SER A 268 -21.64 -13.18 10.18
C SER A 268 -23.12 -13.53 9.92
N GLN A 269 -23.99 -12.53 9.72
CA GLN A 269 -25.38 -12.83 9.34
C GLN A 269 -25.40 -13.65 8.04
N ARG A 270 -24.54 -13.26 7.11
CA ARG A 270 -24.49 -13.95 5.79
C ARG A 270 -23.78 -15.31 5.89
N ARG A 271 -22.62 -15.33 6.55
CA ARG A 271 -21.78 -16.53 6.66
C ARG A 271 -21.16 -16.56 8.05
N PRO A 272 -21.77 -17.26 9.02
CA PRO A 272 -21.24 -17.20 10.40
C PRO A 272 -19.90 -17.92 10.60
N ASP A 273 -19.51 -18.76 9.64
CA ASP A 273 -18.27 -19.50 9.72
C ASP A 273 -17.05 -18.72 9.24
N VAL A 274 -17.27 -17.66 8.49
CA VAL A 274 -16.15 -16.90 7.90
C VAL A 274 -15.43 -16.08 8.96
N LYS A 275 -14.12 -15.95 8.78
CA LYS A 275 -13.29 -15.11 9.61
CA LYS A 275 -13.28 -15.09 9.61
C LYS A 275 -13.05 -13.80 8.84
N TYR A 276 -13.47 -12.68 9.42
CA TYR A 276 -13.46 -11.39 8.74
C TYR A 276 -12.36 -10.49 9.34
N PHE A 277 -11.51 -9.96 8.44
CA PHE A 277 -10.35 -9.19 8.81
C PHE A 277 -10.28 -7.86 8.05
N PRO A 278 -11.10 -6.86 8.47
CA PRO A 278 -10.93 -5.51 7.97
C PRO A 278 -9.82 -4.82 8.77
N PHE A 279 -9.01 -4.00 8.11
CA PHE A 279 -8.02 -3.24 8.86
C PHE A 279 -7.60 -2.03 8.07
N ASP A 280 -6.96 -1.07 8.76
CA ASP A 280 -6.41 0.14 8.17
C ASP A 280 -5.00 0.31 8.71
N MET A 281 -4.02 0.13 7.82
CA MET A 281 -2.63 0.20 8.26
C MET A 281 -2.24 1.53 8.86
N SER A 282 -2.79 2.63 8.34
CA SER A 282 -2.50 3.92 8.94
C SER A 282 -2.91 3.96 10.43
N ASP A 283 -4.08 3.40 10.75
CA ASP A 283 -4.47 3.32 12.13
C ASP A 283 -3.49 2.46 12.95
N GLU A 284 -3.05 1.35 12.35
CA GLU A 284 -2.11 0.45 13.05
C GLU A 284 -0.77 1.14 13.31
N PHE A 285 -0.27 1.91 12.35
CA PHE A 285 1.01 2.59 12.51
C PHE A 285 0.95 3.65 13.64
N VAL A 286 -0.14 4.39 13.71
CA VAL A 286 -0.32 5.42 14.75
CA VAL A 286 -0.20 5.41 14.75
C VAL A 286 -0.51 4.77 16.12
N ARG A 287 -1.21 3.64 16.13
CA ARG A 287 -1.47 2.93 17.37
C ARG A 287 -0.21 2.45 18.09
N ASP A 288 0.77 1.96 17.35
CA ASP A 288 1.96 1.30 17.96
C ASP A 288 3.16 1.46 17.02
N LYS A 289 4.17 2.26 17.39
N LYS A 289 4.16 2.26 17.43
CA LYS A 289 5.34 2.40 16.50
CA LYS A 289 5.39 2.45 16.64
C LYS A 289 6.20 1.16 16.38
C LYS A 289 6.12 1.14 16.34
N GLN A 290 6.02 0.21 17.29
CA GLN A 290 6.72 -1.08 17.14
C GLN A 290 6.07 -1.95 16.08
N PHE A 291 4.86 -1.64 15.63
CA PHE A 291 4.20 -2.46 14.63
C PHE A 291 5.02 -2.55 13.35
N HIS A 292 5.45 -1.40 12.81
CA HIS A 292 6.22 -1.44 11.58
C HIS A 292 7.57 -2.09 11.79
N ALA A 293 8.18 -1.90 12.95
CA ALA A 293 9.48 -2.49 13.24
C ALA A 293 9.40 -4.01 13.23
N LYS A 294 8.36 -4.56 13.85
CA LYS A 294 8.20 -6.00 13.88
CA LYS A 294 8.14 -6.01 13.89
C LYS A 294 7.89 -6.59 12.51
N LEU A 295 7.10 -5.88 11.69
CA LEU A 295 6.88 -6.37 10.34
C LEU A 295 8.18 -6.36 9.55
N TRP A 296 8.99 -5.30 9.68
CA TRP A 296 10.25 -5.26 8.94
C TRP A 296 11.24 -6.34 9.42
N ASP A 297 11.15 -6.74 10.68
CA ASP A 297 11.99 -7.85 11.15
C ASP A 297 11.75 -9.10 10.30
N ASP A 298 10.53 -9.32 9.85
CA ASP A 298 10.21 -10.47 8.97
C ASP A 298 10.51 -10.17 7.50
N LEU A 299 10.18 -8.97 7.02
CA LEU A 299 10.25 -8.70 5.61
C LEU A 299 11.66 -8.35 5.14
N ALA A 300 12.48 -7.69 5.96
CA ALA A 300 13.77 -7.16 5.50
C ALA A 300 14.62 -8.26 4.90
N LEU A 301 14.68 -9.40 5.56
CA LEU A 301 15.58 -10.45 5.05
CA LEU A 301 15.57 -10.44 5.05
C LEU A 301 15.07 -11.04 3.73
N LEU A 302 13.75 -10.97 3.48
CA LEU A 302 13.20 -11.47 2.23
C LEU A 302 13.59 -10.58 1.06
N PHE A 303 13.68 -9.27 1.28
CA PHE A 303 14.19 -8.39 0.25
C PHE A 303 15.70 -8.51 0.10
N GLU A 304 16.42 -8.77 1.21
CA GLU A 304 17.87 -8.98 1.15
CA GLU A 304 17.86 -8.94 1.13
C GLU A 304 18.22 -10.18 0.30
N SER A 305 17.48 -11.27 0.45
CA SER A 305 17.75 -12.52 -0.24
C SER A 305 17.19 -12.61 -1.66
N GLY A 306 16.21 -11.77 -1.97
CA GLY A 306 15.51 -11.86 -3.25
C GLY A 306 14.30 -12.78 -3.25
N SER A 307 13.91 -13.34 -2.09
CA SER A 307 12.63 -14.06 -2.00
C SER A 307 11.44 -13.19 -2.36
N LEU A 308 11.53 -11.90 -2.03
CA LEU A 308 10.59 -10.89 -2.51
C LEU A 308 11.40 -9.89 -3.34
N LYS A 309 10.73 -9.28 -4.33
CA LYS A 309 11.36 -8.36 -5.26
C LYS A 309 10.59 -7.05 -5.28
N PRO A 310 11.26 -5.97 -5.67
CA PRO A 310 10.54 -4.72 -5.89
C PRO A 310 9.37 -4.94 -6.83
N LEU A 311 8.32 -4.14 -6.65
CA LEU A 311 7.20 -4.15 -7.62
C LEU A 311 7.62 -3.57 -8.94
N PRO A 312 6.90 -3.94 -10.02
CA PRO A 312 6.99 -3.14 -11.27
C PRO A 312 6.70 -1.68 -10.93
N TYR A 313 7.35 -0.78 -11.65
CA TYR A 313 7.14 0.63 -11.35
C TYR A 313 7.26 1.48 -12.61
N LYS A 314 6.74 2.70 -12.49
CA LYS A 314 6.90 3.76 -13.47
C LYS A 314 7.32 5.03 -12.73
N VAL A 315 8.38 5.67 -13.20
CA VAL A 315 8.93 6.86 -12.55
C VAL A 315 8.40 8.12 -13.21
N PHE A 316 8.05 9.11 -12.37
CA PHE A 316 7.77 10.47 -12.80
C PHE A 316 8.68 11.41 -12.03
N PRO A 317 9.23 12.44 -12.68
CA PRO A 317 9.95 13.45 -11.92
C PRO A 317 8.96 14.30 -11.11
N SER A 318 9.47 14.95 -10.06
CA SER A 318 8.64 15.75 -9.18
C SER A 318 7.85 16.85 -9.90
N GLU A 319 8.40 17.43 -10.96
CA GLU A 319 7.66 18.45 -11.67
CA GLU A 319 7.71 18.44 -11.74
C GLU A 319 6.40 17.91 -12.36
N ASP A 320 6.34 16.60 -12.56
CA ASP A 320 5.20 15.94 -13.18
CA ASP A 320 5.20 15.95 -13.21
C ASP A 320 4.32 15.23 -12.17
N VAL A 321 4.30 15.71 -10.92
CA VAL A 321 3.54 15.03 -9.89
C VAL A 321 2.03 14.98 -10.19
N VAL A 322 1.46 15.99 -10.85
CA VAL A 322 0.03 15.90 -11.17
C VAL A 322 -0.22 14.71 -12.12
N GLU A 323 0.61 14.59 -13.15
CA GLU A 323 0.50 13.46 -14.07
C GLU A 323 0.73 12.11 -13.37
N ALA A 324 1.62 12.06 -12.36
CA ALA A 324 1.83 10.83 -11.61
C ALA A 324 0.53 10.42 -10.88
N PHE A 325 -0.12 11.39 -10.22
CA PHE A 325 -1.39 11.12 -9.55
C PHE A 325 -2.44 10.70 -10.57
N ARG A 326 -2.48 11.37 -11.73
CA ARG A 326 -3.45 11.03 -12.77
C ARG A 326 -3.24 9.64 -13.34
N HIS A 327 -1.98 9.21 -13.41
CA HIS A 327 -1.64 7.89 -13.94
C HIS A 327 -2.30 6.83 -13.06
N LEU A 328 -2.28 7.06 -11.74
CA LEU A 328 -2.93 6.15 -10.79
C LEU A 328 -4.45 6.30 -10.82
N GLN A 329 -4.95 7.53 -10.88
CA GLN A 329 -6.40 7.76 -10.96
C GLN A 329 -7.02 7.03 -12.16
N HIS A 330 -6.37 7.12 -13.32
CA HIS A 330 -6.85 6.49 -14.55
C HIS A 330 -6.42 5.03 -14.67
N SER A 331 -5.71 4.54 -13.67
CA SER A 331 -5.33 3.16 -13.53
C SER A 331 -4.57 2.64 -14.73
N LYS A 332 -3.56 3.40 -15.11
CA LYS A 332 -2.74 3.10 -16.28
C LYS A 332 -1.59 2.18 -15.99
N HIS A 333 -1.51 1.69 -14.76
CA HIS A 333 -0.29 1.10 -14.21
C HIS A 333 -0.36 -0.40 -13.95
N ILE A 334 0.82 -0.97 -13.77
CA ILE A 334 1.04 -2.24 -13.09
C ILE A 334 2.03 -1.94 -11.96
N GLY A 335 1.68 -2.25 -10.72
CA GLY A 335 2.63 -2.03 -9.62
C GLY A 335 2.52 -0.64 -9.01
N LYS A 336 3.64 0.08 -8.99
CA LYS A 336 3.77 1.31 -8.25
CA LYS A 336 3.73 1.35 -8.29
C LYS A 336 4.10 2.50 -9.18
N ILE A 337 3.60 3.69 -8.80
CA ILE A 337 4.01 4.92 -9.45
CA ILE A 337 3.93 4.97 -9.42
C ILE A 337 4.90 5.66 -8.47
N VAL A 338 6.15 5.90 -8.92
CA VAL A 338 7.18 6.46 -8.04
C VAL A 338 7.60 7.82 -8.55
N VAL A 339 7.64 8.81 -7.64
CA VAL A 339 8.05 10.16 -7.99
C VAL A 339 9.47 10.39 -7.44
N THR A 340 10.39 10.86 -8.27
CA THR A 340 11.73 11.18 -7.83
C THR A 340 11.82 12.65 -7.45
N MET A 341 12.59 12.91 -6.41
CA MET A 341 12.82 14.31 -6.03
C MET A 341 14.10 14.90 -6.70
N PRO A 342 14.17 16.23 -6.92
CA PRO A 342 15.43 16.78 -7.45
C PRO A 342 16.66 16.47 -6.58
PA NAP B . -3.71 0.27 -6.61
O1A NAP B . -2.40 0.39 -7.30
O2A NAP B . -4.22 -1.08 -6.24
O5B NAP B . -4.78 1.05 -7.50
C5B NAP B . -6.19 0.85 -7.32
C4B NAP B . -6.69 -0.46 -7.89
O4B NAP B . -8.09 -0.47 -7.83
C3B NAP B . -6.28 -0.70 -9.31
O3B NAP B . -5.43 -1.84 -9.35
C2B NAP B . -7.59 -0.95 -10.08
O2B NAP B . -7.66 -2.06 -10.92
C1B NAP B . -8.59 -1.21 -8.96
N9A NAP B . -9.93 -0.69 -9.21
C8A NAP B . -10.38 0.58 -8.96
N7A NAP B . -11.68 0.69 -9.31
C5A NAP B . -12.06 -0.51 -9.77
C6A NAP B . -13.28 -1.06 -10.27
N6A NAP B . -14.38 -0.29 -10.35
N1A NAP B . -13.30 -2.34 -10.63
C2A NAP B . -12.19 -3.07 -10.53
N3A NAP B . -10.99 -2.67 -10.07
C4A NAP B . -10.94 -1.40 -9.71
O3 NAP B . -3.71 1.18 -5.28
PN NAP B . -3.06 0.90 -3.85
O1N NAP B . -2.50 2.18 -3.36
O2N NAP B . -2.16 -0.30 -3.90
O5D NAP B . -4.33 0.60 -2.99
C5D NAP B . -5.08 -0.61 -3.27
C4D NAP B . -6.48 -0.52 -2.61
O4D NAP B . -6.33 -0.85 -1.25
C3D NAP B . -7.11 0.88 -2.62
O3D NAP B . -8.53 0.72 -2.60
C2D NAP B . -6.59 1.49 -1.35
O2D NAP B . -7.47 2.52 -0.89
C1D NAP B . -6.55 0.30 -0.42
N1N NAP B . -5.50 0.21 0.62
C2N NAP B . -5.86 -0.01 1.91
C3N NAP B . -4.92 -0.12 2.93
C7N NAP B . -5.37 -0.35 4.33
O7N NAP B . -4.51 -0.23 5.18
N7N NAP B . -6.67 -0.67 4.57
C4N NAP B . -3.56 -0.03 2.62
C5N NAP B . -3.21 0.18 1.28
C6N NAP B . -4.19 0.29 0.29
P2B NAP B . -6.98 -2.14 -12.37
O1X NAP B . -5.48 -2.17 -12.13
O2X NAP B . -7.52 -3.44 -12.90
O3X NAP B . -7.42 -0.92 -13.13
#